data_5V5Z
#
_entry.id   5V5Z
#
_cell.length_a   91.940
_cell.length_b   92.510
_cell.length_c   101.530
_cell.angle_alpha   90.00
_cell.angle_beta   90.00
_cell.angle_gamma   90.00
#
_symmetry.space_group_name_H-M   'P 2 21 21'
#
loop_
_entity.id
_entity.type
_entity.pdbx_description
1 polymer 'Lanosterol 14-alpha demethylase'
2 non-polymer 'PROTOPORPHYRIN IX CONTAINING FE'
3 non-polymer 2-[(2R)-butan-2-yl]-4-{4-[4-(4-{[(2R,4S)-2-(2,4-dichlorophenyl)-2-(1H-1,2,4-triazol-1-ylmethyl)-1,3-dioxolan-4-yl]methoxy}phenyl)piperazin-1-yl]phenyl}-2,4-dihydro-3H-1,2,4-triazol-3-one
#
_entity_poly.entity_id   1
_entity_poly.type   'polypeptide(L)'
_entity_poly.pdbx_seq_one_letter_code
;MAIVETVIDGINYFLSLSVTQQISILLGVPFVYNLVWQYLYSLRKDRAPLVFYWIPWFGSAASYGQQPYEFFESCRQKYG
DVFSFMLLGKIMTVYLGPKGHEFVFNAKLSDVSAEDAYKHLTTPVFGKGVIYDCPNSRLMEQKKFAKFALTTDSFKRYVP
KIREEILNYFVTDESFKLKEKTHGVANVMKTQPEITIFTASRSLFGDEMRRIFDRSFAQLYSDLDKGFTPINFVFPNLPL
PHYWRRDAAQKKISATYMKEIKSRRERGDIDPNRDLIDSLLIHSTYKDGVKMTDQEIANLLIGILMGGQHTSASTSAWFL
LHLGEKPHLQDVIYQEVVELLKEKGGDLNDLTYEDLQKLPSVNNTIKETLRMHMPLHSIFRKVTNPLRIPETNYIVPKGH
YVLVSPGYAHTSERYFDNPEDFDPTRWDTAAAKANSVSFNSSDEVDYGFGKVSKGVSSPYLPFGGGRHRCIGEQFAYVQL
GTILTTFVYNLRWTIDGYKVPDPDYSSMVVLPTEPAEIIWEKRETCMFGGRHHHHHH
;
_entity_poly.pdbx_strand_id   A
#
loop_
_chem_comp.id
_chem_comp.type
_chem_comp.name
_chem_comp.formula
1YN non-polymer 2-[(2R)-butan-2-yl]-4-{4-[4-(4-{[(2R,4S)-2-(2,4-dichlorophenyl)-2-(1H-1,2,4-triazol-1-ylmethyl)-1,3-dioxolan-4-yl]methoxy}phenyl)piperazin-1-yl]phenyl}-2,4-dihydro-3H-1,2,4-triazol-3-one 'C35 H38 Cl2 N8 O4'
HEM non-polymer 'PROTOPORPHYRIN IX CONTAINING FE' 'C34 H32 Fe N4 O4'
#
# COMPACT_ATOMS: atom_id res chain seq x y z
N ILE A 25 -42.93 -10.61 -5.31
CA ILE A 25 -42.82 -11.11 -3.94
C ILE A 25 -41.65 -12.08 -3.82
N LEU A 26 -40.69 -11.97 -4.74
CA LEU A 26 -39.36 -12.53 -4.50
C LEU A 26 -38.60 -11.54 -3.63
N LEU A 27 -39.33 -10.85 -2.77
CA LEU A 27 -38.79 -10.01 -1.73
C LEU A 27 -38.93 -10.66 -0.36
N GLY A 28 -40.14 -11.15 -0.05
CA GLY A 28 -40.28 -11.97 1.14
C GLY A 28 -39.54 -13.29 1.02
N VAL A 29 -39.55 -13.89 -0.16
CA VAL A 29 -39.02 -15.24 -0.37
C VAL A 29 -37.54 -15.32 0.00
N PRO A 30 -36.65 -14.49 -0.55
CA PRO A 30 -35.27 -14.51 -0.04
C PRO A 30 -35.17 -14.02 1.38
N PHE A 31 -35.89 -12.95 1.72
CA PHE A 31 -35.85 -12.37 3.06
C PHE A 31 -36.13 -13.43 4.11
N VAL A 32 -37.19 -14.21 3.92
CA VAL A 32 -37.59 -15.15 4.97
C VAL A 32 -36.55 -16.24 5.14
N TYR A 33 -35.95 -16.72 4.04
CA TYR A 33 -34.98 -17.79 4.20
C TYR A 33 -33.64 -17.27 4.74
N ASN A 34 -33.15 -16.14 4.21
CA ASN A 34 -31.91 -15.59 4.73
C ASN A 34 -32.07 -15.14 6.17
N LEU A 35 -33.23 -14.60 6.52
CA LEU A 35 -33.49 -14.25 7.90
C LEU A 35 -33.45 -15.51 8.77
N VAL A 36 -34.28 -16.51 8.44
CA VAL A 36 -34.37 -17.71 9.26
C VAL A 36 -33.02 -18.41 9.33
N TRP A 37 -32.23 -18.34 8.25
CA TRP A 37 -30.93 -18.99 8.30
C TRP A 37 -29.97 -18.23 9.19
N GLN A 38 -30.03 -16.89 9.17
CA GLN A 38 -29.16 -16.11 10.04
C GLN A 38 -29.29 -16.57 11.50
N TYR A 39 -30.51 -16.94 11.92
CA TYR A 39 -30.66 -17.45 13.28
C TYR A 39 -30.14 -18.87 13.40
N LEU A 40 -30.40 -19.71 12.39
CA LEU A 40 -29.87 -21.07 12.39
C LEU A 40 -28.41 -21.09 12.79
N TYR A 41 -27.62 -20.22 12.15
CA TYR A 41 -26.18 -20.20 12.33
C TYR A 41 -25.77 -19.76 13.73
N SER A 42 -26.69 -19.15 14.50
CA SER A 42 -26.36 -18.73 15.86
C SER A 42 -25.93 -19.91 16.73
N LEU A 43 -26.52 -21.09 16.50
CA LEU A 43 -26.35 -22.21 17.41
C LEU A 43 -24.88 -22.58 17.60
N ARG A 44 -24.20 -22.91 16.51
CA ARG A 44 -22.92 -23.61 16.57
C ARG A 44 -21.90 -22.88 17.44
N LYS A 45 -21.63 -23.41 18.64
CA LYS A 45 -20.56 -22.91 19.52
C LYS A 45 -19.15 -23.27 18.99
N ASP A 46 -19.10 -23.69 17.72
CA ASP A 46 -17.85 -23.93 16.99
C ASP A 46 -17.66 -22.96 15.82
N ARG A 47 -18.57 -22.01 15.62
CA ARG A 47 -18.46 -21.01 14.57
C ARG A 47 -18.46 -19.62 15.22
N ALA A 48 -17.50 -18.79 14.82
CA ALA A 48 -17.33 -17.48 15.43
C ALA A 48 -18.62 -16.67 15.28
N PRO A 49 -18.87 -15.72 16.19
CA PRO A 49 -20.12 -14.96 16.13
C PRO A 49 -20.19 -14.10 14.88
N LEU A 50 -21.41 -13.90 14.39
CA LEU A 50 -21.67 -13.25 13.11
C LEU A 50 -22.54 -12.00 13.26
N VAL A 51 -22.10 -10.90 12.66
CA VAL A 51 -22.83 -9.64 12.71
C VAL A 51 -24.14 -9.76 11.95
N PHE A 52 -25.21 -9.20 12.54
CA PHE A 52 -26.52 -9.21 11.91
C PHE A 52 -26.56 -8.26 10.71
N TYR A 53 -27.45 -8.58 9.77
CA TYR A 53 -27.61 -7.75 8.58
C TYR A 53 -28.98 -8.05 7.99
N TRP A 54 -29.55 -7.08 7.30
CA TRP A 54 -30.93 -7.21 6.83
C TRP A 54 -31.02 -7.66 5.37
N ILE A 55 -30.01 -7.37 4.57
CA ILE A 55 -30.05 -7.66 3.14
C ILE A 55 -29.40 -9.02 2.90
N PRO A 56 -30.07 -9.95 2.22
CA PRO A 56 -29.42 -11.21 1.85
C PRO A 56 -28.26 -11.00 0.88
N TRP A 57 -27.15 -11.70 1.14
CA TRP A 57 -25.95 -11.69 0.32
C TRP A 57 -25.15 -10.40 0.47
N PHE A 58 -25.84 -9.28 0.60
CA PHE A 58 -25.15 -8.00 0.67
C PHE A 58 -24.49 -7.80 2.03
N GLY A 59 -25.12 -8.27 3.10
CA GLY A 59 -24.54 -8.22 4.42
C GLY A 59 -24.20 -6.82 4.89
N SER A 60 -23.14 -6.73 5.67
CA SER A 60 -22.67 -5.47 6.25
C SER A 60 -21.73 -4.72 5.33
N ALA A 61 -21.76 -5.02 4.02
CA ALA A 61 -20.96 -4.27 3.06
C ALA A 61 -21.19 -2.77 3.17
N ALA A 62 -22.33 -2.36 3.71
CA ALA A 62 -22.66 -0.98 3.96
C ALA A 62 -21.74 -0.41 5.04
N SER A 63 -22.02 -0.82 6.29
CA SER A 63 -21.38 -0.22 7.44
C SER A 63 -19.87 -0.38 7.40
N TYR A 64 -19.40 -1.49 6.82
CA TYR A 64 -17.98 -1.80 6.80
C TYR A 64 -17.24 -0.98 5.75
N GLY A 65 -17.79 -0.92 4.55
CA GLY A 65 -17.13 -0.20 3.46
C GLY A 65 -17.14 1.31 3.58
N GLN A 66 -17.67 1.85 4.67
CA GLN A 66 -17.78 3.30 4.82
C GLN A 66 -16.95 3.83 5.97
N GLN A 67 -17.06 3.24 7.15
CA GLN A 67 -16.15 3.51 8.26
C GLN A 67 -15.94 2.18 8.96
N PRO A 68 -14.81 1.51 8.69
CA PRO A 68 -14.68 0.09 9.06
C PRO A 68 -13.99 -0.10 10.39
N TYR A 69 -13.27 0.93 10.85
CA TYR A 69 -12.74 0.89 12.20
C TYR A 69 -13.83 1.13 13.25
N GLU A 70 -14.71 2.11 13.04
CA GLU A 70 -15.93 2.19 13.85
C GLU A 70 -16.68 0.87 13.80
N PHE A 71 -16.95 0.38 12.59
CA PHE A 71 -17.65 -0.88 12.43
C PHE A 71 -16.96 -1.99 13.21
N PHE A 72 -15.63 -2.00 13.21
CA PHE A 72 -14.90 -2.99 14.00
C PHE A 72 -15.18 -2.84 15.47
N GLU A 73 -15.17 -1.60 15.95
CA GLU A 73 -15.50 -1.32 17.35
C GLU A 73 -16.93 -1.69 17.67
N SER A 74 -17.88 -1.18 16.87
CA SER A 74 -19.30 -1.51 16.91
C SER A 74 -19.56 -3.01 16.91
N CYS A 75 -18.51 -3.79 16.76
CA CYS A 75 -18.54 -5.23 16.83
C CYS A 75 -17.70 -5.76 17.98
N ARG A 76 -16.69 -5.02 18.42
CA ARG A 76 -15.90 -5.51 19.55
C ARG A 76 -16.56 -5.15 20.88
N GLN A 77 -17.21 -3.98 20.94
N GLN A 77 -17.20 -3.97 20.95
CA GLN A 77 -18.03 -3.64 22.09
CA GLN A 77 -18.03 -3.67 22.12
C GLN A 77 -19.12 -4.68 22.31
C GLN A 77 -19.05 -4.76 22.32
N LYS A 78 -19.54 -5.36 21.23
CA LYS A 78 -20.54 -6.42 21.30
C LYS A 78 -19.90 -7.80 21.49
N TYR A 79 -18.83 -8.12 20.73
CA TYR A 79 -18.37 -9.50 20.64
C TYR A 79 -16.93 -9.75 21.04
N GLY A 80 -16.17 -8.75 21.46
CA GLY A 80 -14.76 -8.99 21.72
C GLY A 80 -13.93 -9.04 20.45
N ASP A 81 -12.75 -9.69 20.57
CA ASP A 81 -11.73 -9.58 19.53
C ASP A 81 -12.01 -10.45 18.30
N VAL A 82 -12.83 -11.50 18.43
CA VAL A 82 -13.09 -12.46 17.36
C VAL A 82 -14.56 -12.38 17.00
N PHE A 83 -14.86 -12.34 15.71
CA PHE A 83 -16.21 -12.22 15.18
C PHE A 83 -16.15 -12.33 13.66
N SER A 84 -17.28 -12.13 12.98
CA SER A 84 -17.39 -12.26 11.53
C SER A 84 -18.41 -11.25 11.01
N PHE A 85 -18.60 -11.25 9.68
CA PHE A 85 -19.61 -10.42 9.03
C PHE A 85 -19.69 -10.78 7.55
N MET A 86 -20.91 -10.78 7.02
CA MET A 86 -21.15 -11.03 5.61
C MET A 86 -20.56 -9.89 4.78
N LEU A 87 -20.18 -10.19 3.55
CA LEU A 87 -19.64 -9.17 2.66
C LEU A 87 -19.83 -9.66 1.23
N LEU A 88 -20.84 -9.10 0.56
CA LEU A 88 -21.15 -9.43 -0.83
C LEU A 88 -21.19 -10.94 -1.06
N GLY A 89 -21.77 -11.65 -0.10
CA GLY A 89 -21.91 -13.09 -0.18
C GLY A 89 -20.82 -13.87 0.51
N LYS A 90 -19.72 -13.22 0.90
CA LYS A 90 -18.56 -13.90 1.45
C LYS A 90 -18.41 -13.58 2.94
N ILE A 91 -18.07 -14.60 3.73
CA ILE A 91 -17.91 -14.44 5.17
C ILE A 91 -16.51 -13.93 5.48
N MET A 92 -16.40 -13.05 6.48
CA MET A 92 -15.12 -12.44 6.84
C MET A 92 -14.93 -12.58 8.35
N THR A 93 -14.39 -13.70 8.78
CA THR A 93 -14.01 -13.84 10.17
C THR A 93 -12.87 -12.87 10.51
N VAL A 94 -13.07 -12.04 11.54
CA VAL A 94 -12.12 -11.01 11.96
C VAL A 94 -11.45 -11.44 13.27
N TYR A 95 -10.30 -10.84 13.55
CA TYR A 95 -9.56 -11.10 14.78
C TYR A 95 -8.66 -9.89 15.03
N LEU A 96 -9.03 -9.06 16.01
CA LEU A 96 -8.34 -7.80 16.18
C LEU A 96 -7.14 -7.95 17.09
N GLY A 97 -6.20 -7.01 16.96
CA GLY A 97 -5.10 -6.90 17.88
C GLY A 97 -3.99 -7.94 17.70
N PRO A 98 -2.88 -7.76 18.44
CA PRO A 98 -1.65 -8.51 18.14
C PRO A 98 -1.86 -9.99 18.10
N LYS A 99 -2.98 -10.45 18.65
CA LYS A 99 -3.28 -11.88 18.59
C LYS A 99 -3.87 -12.24 17.24
N GLY A 100 -4.70 -11.33 16.68
CA GLY A 100 -5.12 -11.48 15.29
C GLY A 100 -3.94 -11.43 14.33
N HIS A 101 -2.97 -10.57 14.61
CA HIS A 101 -1.75 -10.54 13.81
C HIS A 101 -1.11 -11.92 13.70
N GLU A 102 -0.86 -12.58 14.83
CA GLU A 102 -0.29 -13.92 14.79
C GLU A 102 -1.19 -14.90 14.08
N PHE A 103 -2.49 -14.71 14.15
CA PHE A 103 -3.38 -15.73 13.64
C PHE A 103 -3.43 -15.75 12.12
N VAL A 104 -3.40 -14.58 11.49
CA VAL A 104 -3.50 -14.47 10.03
C VAL A 104 -2.15 -14.27 9.36
N PHE A 105 -1.41 -13.24 9.78
CA PHE A 105 -0.10 -12.95 9.21
C PHE A 105 0.87 -14.12 9.29
N ASN A 106 0.66 -15.06 10.21
CA ASN A 106 1.57 -16.17 10.39
C ASN A 106 0.91 -17.52 10.17
N ALA A 107 -0.25 -17.56 9.54
CA ALA A 107 -0.83 -18.84 9.15
C ALA A 107 0.02 -19.52 8.10
N LYS A 108 0.21 -20.83 8.21
CA LYS A 108 0.99 -21.46 7.15
C LYS A 108 0.04 -21.93 6.04
N LEU A 109 0.63 -22.46 4.97
CA LEU A 109 -0.04 -22.48 3.67
C LEU A 109 -1.23 -23.43 3.61
N SER A 110 -1.29 -24.44 4.46
CA SER A 110 -2.29 -25.48 4.23
C SER A 110 -3.65 -25.12 4.79
N ASP A 111 -3.77 -23.96 5.44
CA ASP A 111 -5.05 -23.50 5.97
C ASP A 111 -5.55 -22.23 5.31
N VAL A 112 -4.66 -21.32 4.90
CA VAL A 112 -5.02 -20.03 4.33
C VAL A 112 -4.32 -19.82 2.99
N SER A 113 -4.97 -19.07 2.12
CA SER A 113 -4.44 -18.71 0.80
C SER A 113 -4.50 -17.20 0.64
N ALA A 114 -3.36 -16.58 0.37
CA ALA A 114 -3.39 -15.14 0.12
C ALA A 114 -3.78 -14.83 -1.31
N GLU A 115 -3.45 -15.72 -2.26
CA GLU A 115 -3.87 -15.50 -3.64
C GLU A 115 -5.38 -15.66 -3.79
N ASP A 116 -5.97 -16.71 -3.23
CA ASP A 116 -7.41 -16.90 -3.38
C ASP A 116 -8.23 -15.75 -2.80
N ALA A 117 -7.60 -14.76 -2.18
CA ALA A 117 -8.31 -13.56 -1.79
C ALA A 117 -7.97 -12.37 -2.67
N TYR A 118 -6.71 -12.20 -3.06
CA TYR A 118 -6.28 -11.05 -3.85
C TYR A 118 -6.25 -11.33 -5.37
N LYS A 119 -6.72 -12.48 -5.83
CA LYS A 119 -6.47 -12.87 -7.21
C LYS A 119 -7.36 -12.07 -8.17
N HIS A 120 -8.67 -12.24 -8.05
CA HIS A 120 -9.64 -11.58 -8.92
C HIS A 120 -9.47 -10.07 -8.92
N LEU A 121 -8.73 -9.50 -7.97
CA LEU A 121 -8.43 -8.10 -8.15
C LEU A 121 -7.12 -7.85 -8.89
N THR A 122 -5.98 -8.29 -8.34
CA THR A 122 -4.70 -7.87 -8.91
C THR A 122 -4.47 -8.45 -10.31
N THR A 123 -4.84 -9.70 -10.51
CA THR A 123 -4.50 -10.37 -11.77
C THR A 123 -5.06 -9.64 -12.98
N PRO A 124 -6.35 -9.30 -13.06
CA PRO A 124 -6.82 -8.58 -14.25
C PRO A 124 -6.14 -7.26 -14.47
N VAL A 125 -5.41 -6.76 -13.47
CA VAL A 125 -4.85 -5.44 -13.55
C VAL A 125 -3.38 -5.55 -13.94
N PHE A 126 -2.71 -6.59 -13.44
CA PHE A 126 -1.29 -6.73 -13.69
C PHE A 126 -0.99 -7.74 -14.77
N GLY A 127 -1.83 -8.73 -14.91
CA GLY A 127 -1.57 -9.77 -15.87
C GLY A 127 -1.22 -11.09 -15.22
N LYS A 128 -1.47 -12.15 -15.96
CA LYS A 128 -1.23 -13.49 -15.50
C LYS A 128 0.26 -13.74 -15.30
N GLY A 129 0.54 -14.80 -14.52
CA GLY A 129 1.86 -15.33 -14.30
C GLY A 129 2.51 -14.91 -12.99
N VAL A 130 2.14 -13.77 -12.43
CA VAL A 130 2.91 -13.19 -11.35
C VAL A 130 2.01 -12.77 -10.18
N ILE A 131 2.69 -12.34 -9.12
CA ILE A 131 2.11 -11.82 -7.91
C ILE A 131 1.13 -12.84 -7.32
N TYR A 132 -0.15 -12.78 -7.67
CA TYR A 132 -1.06 -13.78 -7.11
C TYR A 132 -1.60 -14.76 -8.14
N ASP A 133 -1.19 -14.67 -9.40
CA ASP A 133 -1.62 -15.67 -10.38
C ASP A 133 -0.65 -16.84 -10.47
N CYS A 134 0.06 -17.15 -9.39
CA CYS A 134 0.96 -18.28 -9.35
C CYS A 134 0.93 -18.86 -7.94
N PRO A 135 1.47 -20.05 -7.75
CA PRO A 135 1.56 -20.60 -6.40
C PRO A 135 2.55 -19.84 -5.55
N ASN A 136 2.41 -20.03 -4.23
CA ASN A 136 3.19 -19.25 -3.28
C ASN A 136 4.68 -19.43 -3.51
N SER A 137 5.10 -20.66 -3.87
CA SER A 137 6.53 -20.91 -4.11
C SER A 137 7.05 -19.97 -5.17
N ARG A 138 6.29 -19.78 -6.25
CA ARG A 138 6.63 -18.82 -7.29
C ARG A 138 6.69 -17.41 -6.73
N LEU A 139 5.65 -16.99 -6.01
CA LEU A 139 5.62 -15.61 -5.51
C LEU A 139 6.83 -15.32 -4.63
N MET A 140 7.22 -16.31 -3.82
CA MET A 140 8.34 -16.09 -2.90
C MET A 140 9.60 -15.65 -3.64
N GLU A 141 9.90 -16.25 -4.80
CA GLU A 141 11.09 -15.88 -5.55
C GLU A 141 10.93 -14.54 -6.27
N GLN A 142 9.74 -14.28 -6.84
CA GLN A 142 9.55 -12.97 -7.46
C GLN A 142 9.87 -11.86 -6.47
N LYS A 143 9.51 -12.06 -5.19
CA LYS A 143 9.82 -11.09 -4.14
C LYS A 143 11.30 -11.07 -3.84
N LYS A 144 11.97 -12.22 -3.97
CA LYS A 144 13.43 -12.26 -3.88
C LYS A 144 14.08 -11.53 -5.05
N PHE A 145 13.70 -11.87 -6.29
CA PHE A 145 14.27 -11.21 -7.46
C PHE A 145 14.16 -9.69 -7.32
N ALA A 146 12.97 -9.22 -6.95
CA ALA A 146 12.75 -7.80 -6.72
C ALA A 146 13.80 -7.22 -5.77
N LYS A 147 14.07 -7.93 -4.66
CA LYS A 147 14.88 -7.34 -3.60
C LYS A 147 16.30 -7.03 -4.05
N PHE A 148 16.70 -7.44 -5.25
CA PHE A 148 18.06 -7.19 -5.71
C PHE A 148 18.28 -5.76 -6.17
N ALA A 149 17.19 -5.03 -6.42
CA ALA A 149 17.20 -3.61 -6.69
C ALA A 149 16.86 -2.79 -5.46
N LEU A 150 16.61 -3.45 -4.32
CA LEU A 150 16.18 -2.82 -3.07
C LEU A 150 17.23 -3.02 -1.98
N THR A 151 18.45 -2.58 -2.24
CA THR A 151 19.52 -2.79 -1.30
C THR A 151 19.99 -1.46 -0.77
N THR A 152 20.89 -1.50 0.22
CA THR A 152 21.49 -0.27 0.70
C THR A 152 22.15 0.50 -0.43
N ASP A 153 22.79 -0.23 -1.35
CA ASP A 153 23.50 0.43 -2.44
C ASP A 153 22.54 1.03 -3.45
N SER A 154 21.47 0.30 -3.80
CA SER A 154 20.47 0.87 -4.71
C SER A 154 19.94 2.19 -4.17
N PHE A 155 19.59 2.19 -2.87
CA PHE A 155 18.96 3.37 -2.28
C PHE A 155 19.89 4.58 -2.35
N LYS A 156 21.21 4.36 -2.34
CA LYS A 156 22.11 5.50 -2.53
C LYS A 156 22.01 6.06 -3.95
N ARG A 157 21.79 5.20 -4.94
CA ARG A 157 21.68 5.69 -6.31
C ARG A 157 20.31 6.25 -6.60
N TYR A 158 19.31 5.91 -5.77
CA TYR A 158 17.96 6.40 -5.99
C TYR A 158 17.72 7.77 -5.39
N VAL A 159 18.39 8.12 -4.31
CA VAL A 159 18.03 9.34 -3.61
C VAL A 159 18.12 10.51 -4.60
N PRO A 160 19.26 10.75 -5.25
CA PRO A 160 19.34 11.96 -6.09
C PRO A 160 18.46 11.88 -7.32
N LYS A 161 18.19 10.68 -7.84
CA LYS A 161 17.23 10.59 -8.94
C LYS A 161 15.85 11.02 -8.47
N ILE A 162 15.38 10.41 -7.37
CA ILE A 162 14.09 10.77 -6.79
C ILE A 162 14.02 12.26 -6.50
N ARG A 163 15.03 12.78 -5.80
CA ARG A 163 15.07 14.20 -5.48
C ARG A 163 14.92 15.04 -6.74
N GLU A 164 15.85 14.88 -7.68
CA GLU A 164 15.86 15.73 -8.87
C GLU A 164 14.54 15.63 -9.64
N GLU A 165 13.94 14.44 -9.66
CA GLU A 165 12.61 14.32 -10.24
C GLU A 165 11.60 15.20 -9.52
N ILE A 166 11.64 15.20 -8.17
CA ILE A 166 10.76 16.08 -7.39
C ILE A 166 10.95 17.52 -7.82
N LEU A 167 12.15 18.05 -7.59
CA LEU A 167 12.47 19.39 -8.07
C LEU A 167 12.01 19.64 -9.50
N ASN A 168 12.01 18.62 -10.36
CA ASN A 168 11.54 18.90 -11.70
C ASN A 168 10.03 18.97 -11.79
N TYR A 169 9.32 18.41 -10.80
CA TYR A 169 7.90 18.71 -10.70
C TYR A 169 7.72 20.12 -10.19
N PHE A 170 8.49 20.49 -9.17
CA PHE A 170 8.37 21.84 -8.60
C PHE A 170 8.57 22.91 -9.67
N VAL A 171 9.43 22.66 -10.66
CA VAL A 171 9.69 23.74 -11.62
C VAL A 171 8.78 23.64 -12.84
N THR A 172 8.39 22.45 -13.27
CA THR A 172 7.62 22.35 -14.50
C THR A 172 6.12 22.13 -14.28
N ASP A 173 5.68 21.72 -13.09
CA ASP A 173 4.25 21.45 -12.93
C ASP A 173 3.47 22.69 -12.51
N GLU A 174 2.30 22.85 -13.15
CA GLU A 174 1.42 24.00 -12.96
C GLU A 174 0.95 24.16 -11.53
N SER A 175 1.02 23.10 -10.73
CA SER A 175 0.66 23.23 -9.34
C SER A 175 1.72 23.98 -8.54
N PHE A 176 2.96 24.05 -9.03
CA PHE A 176 4.04 24.70 -8.28
C PHE A 176 4.72 25.81 -9.06
N LYS A 177 5.35 25.52 -10.19
CA LYS A 177 6.13 26.49 -10.97
C LYS A 177 6.94 27.44 -10.08
N LEU A 178 7.83 26.84 -9.26
CA LEU A 178 8.57 27.60 -8.25
C LEU A 178 9.51 28.64 -8.84
N LYS A 179 9.87 28.53 -10.11
CA LYS A 179 10.77 29.51 -10.71
C LYS A 179 10.04 30.75 -11.23
N GLU A 180 8.72 30.72 -11.28
CA GLU A 180 7.92 31.89 -11.64
C GLU A 180 7.19 32.52 -10.46
N LYS A 181 6.83 31.71 -9.46
CA LYS A 181 5.83 32.11 -8.47
C LYS A 181 6.38 31.89 -7.06
N THR A 182 5.63 32.34 -6.08
CA THR A 182 6.10 32.29 -4.69
C THR A 182 5.05 31.83 -3.71
N HIS A 183 3.79 31.76 -4.09
CA HIS A 183 2.74 31.19 -3.26
C HIS A 183 1.82 30.42 -4.20
N GLY A 184 1.17 29.39 -3.66
CA GLY A 184 0.23 28.67 -4.50
C GLY A 184 -0.61 27.72 -3.69
N VAL A 185 -1.42 26.93 -4.41
CA VAL A 185 -2.35 25.98 -3.82
C VAL A 185 -2.38 24.68 -4.63
N ALA A 186 -1.70 23.64 -4.14
CA ALA A 186 -1.50 22.42 -4.90
C ALA A 186 -2.38 21.28 -4.37
N ASN A 187 -3.07 20.60 -5.26
CA ASN A 187 -3.91 19.46 -4.87
C ASN A 187 -3.01 18.26 -4.58
N VAL A 188 -3.10 17.70 -3.37
CA VAL A 188 -2.27 16.52 -3.07
C VAL A 188 -2.84 15.24 -3.67
N MET A 189 -4.10 15.22 -4.10
CA MET A 189 -4.60 14.11 -4.92
C MET A 189 -4.07 14.14 -6.34
N LYS A 190 -3.36 15.18 -6.72
CA LYS A 190 -2.64 15.21 -7.97
C LYS A 190 -1.14 15.22 -7.76
N THR A 191 -0.62 16.12 -6.93
CA THR A 191 0.82 16.24 -6.82
C THR A 191 1.45 14.91 -6.44
N GLN A 192 0.92 14.27 -5.40
CA GLN A 192 1.65 13.13 -4.86
C GLN A 192 1.56 11.90 -5.76
N PRO A 193 0.42 11.57 -6.36
CA PRO A 193 0.42 10.37 -7.22
C PRO A 193 1.31 10.51 -8.43
N GLU A 194 1.41 11.73 -8.96
CA GLU A 194 2.27 11.97 -10.10
C GLU A 194 3.73 12.00 -9.68
N ILE A 195 4.04 12.70 -8.59
CA ILE A 195 5.41 12.68 -8.08
C ILE A 195 5.81 11.26 -7.71
N THR A 196 4.89 10.50 -7.10
CA THR A 196 5.26 9.16 -6.67
C THR A 196 5.62 8.28 -7.87
N ILE A 197 4.72 8.19 -8.84
CA ILE A 197 4.97 7.38 -10.04
C ILE A 197 6.13 7.94 -10.86
N PHE A 198 6.40 9.24 -10.79
CA PHE A 198 7.55 9.73 -11.54
C PHE A 198 8.85 9.36 -10.86
N THR A 199 8.89 9.44 -9.53
CA THR A 199 10.10 9.03 -8.84
C THR A 199 10.30 7.52 -8.87
N ALA A 200 9.22 6.73 -8.75
CA ALA A 200 9.38 5.29 -8.86
C ALA A 200 9.93 4.89 -10.22
N SER A 201 9.28 5.38 -11.29
CA SER A 201 9.74 5.15 -12.66
C SER A 201 11.23 5.46 -12.80
N ARG A 202 11.61 6.69 -12.48
CA ARG A 202 12.96 7.16 -12.77
C ARG A 202 14.02 6.35 -12.05
N SER A 203 13.71 5.83 -10.87
CA SER A 203 14.67 5.09 -10.05
C SER A 203 14.58 3.58 -10.26
N LEU A 204 13.38 3.01 -10.11
CA LEU A 204 13.21 1.57 -10.26
C LEU A 204 13.33 1.16 -11.72
N PHE A 205 12.77 1.95 -12.62
CA PHE A 205 12.70 1.58 -14.02
C PHE A 205 13.73 2.33 -14.86
N GLY A 206 14.33 3.38 -14.33
CA GLY A 206 15.38 4.07 -15.06
C GLY A 206 14.87 5.15 -16.00
N ASP A 207 15.83 5.74 -16.73
CA ASP A 207 15.59 7.04 -17.36
C ASP A 207 14.70 6.96 -18.58
N GLU A 208 14.72 5.86 -19.32
CA GLU A 208 13.90 5.82 -20.52
C GLU A 208 12.45 5.53 -20.19
N MET A 209 12.17 4.73 -19.16
CA MET A 209 10.79 4.57 -18.73
C MET A 209 10.23 5.83 -18.10
N ARG A 210 11.09 6.71 -17.60
CA ARG A 210 10.68 7.97 -17.02
C ARG A 210 10.45 9.02 -18.09
N ARG A 211 11.41 9.15 -19.01
CA ARG A 211 11.27 10.02 -20.18
C ARG A 211 10.04 9.69 -20.98
N ILE A 212 9.63 8.42 -20.98
CA ILE A 212 8.46 7.97 -21.73
C ILE A 212 7.17 8.21 -20.96
N PHE A 213 7.24 8.81 -19.78
CA PHE A 213 6.04 9.26 -19.07
C PHE A 213 5.65 10.69 -19.39
N ASP A 214 6.53 11.45 -20.05
CA ASP A 214 6.13 12.71 -20.69
C ASP A 214 4.84 12.50 -21.46
N ARG A 215 4.85 11.54 -22.38
CA ARG A 215 3.64 11.08 -23.04
C ARG A 215 2.59 10.67 -22.01
N SER A 216 1.32 10.87 -22.36
CA SER A 216 0.22 10.33 -21.57
C SER A 216 0.09 8.84 -21.83
N PHE A 217 1.23 8.20 -21.65
CA PHE A 217 1.37 6.94 -20.97
C PHE A 217 0.51 7.00 -19.73
N ALA A 218 0.56 8.15 -19.05
CA ALA A 218 -0.22 8.36 -17.85
C ALA A 218 -1.69 8.04 -18.07
N GLN A 219 -2.23 8.44 -19.22
CA GLN A 219 -3.62 8.10 -19.51
C GLN A 219 -3.83 6.60 -19.52
N LEU A 220 -2.83 5.84 -19.95
CA LEU A 220 -2.97 4.38 -19.95
C LEU A 220 -3.00 3.83 -18.54
N TYR A 221 -2.23 4.43 -17.64
CA TYR A 221 -2.29 4.05 -16.24
C TYR A 221 -3.58 4.54 -15.59
N SER A 222 -4.09 5.70 -16.00
CA SER A 222 -5.43 6.09 -15.58
C SER A 222 -6.44 5.04 -16.02
N ASP A 223 -6.29 4.50 -17.24
CA ASP A 223 -7.21 3.46 -17.69
C ASP A 223 -7.04 2.19 -16.87
N LEU A 224 -5.80 1.93 -16.43
CA LEU A 224 -5.52 0.73 -15.66
C LEU A 224 -6.05 0.87 -14.25
N ASP A 225 -5.88 2.05 -13.66
CA ASP A 225 -6.40 2.31 -12.33
C ASP A 225 -7.91 2.05 -12.24
N LYS A 226 -8.70 2.68 -13.10
CA LYS A 226 -10.16 2.63 -12.97
C LYS A 226 -10.73 1.21 -13.01
N GLY A 227 -9.87 0.20 -13.14
CA GLY A 227 -10.29 -1.19 -13.15
C GLY A 227 -9.64 -1.95 -12.01
N PHE A 228 -8.85 -1.20 -11.25
CA PHE A 228 -8.24 -1.58 -9.98
C PHE A 228 -9.06 -0.90 -8.89
N THR A 229 -10.20 -1.52 -8.55
CA THR A 229 -11.23 -0.98 -7.67
C THR A 229 -11.82 -2.14 -6.88
N PRO A 230 -12.04 -1.96 -5.56
CA PRO A 230 -12.49 -3.09 -4.74
C PRO A 230 -13.64 -3.89 -5.35
N ILE A 231 -14.45 -3.25 -6.20
CA ILE A 231 -15.54 -3.99 -6.83
C ILE A 231 -15.02 -5.15 -7.65
N ASN A 232 -13.75 -5.11 -8.06
CA ASN A 232 -13.15 -6.25 -8.72
C ASN A 232 -13.22 -7.50 -7.85
N PHE A 233 -13.34 -7.35 -6.53
CA PHE A 233 -13.37 -8.52 -5.68
C PHE A 233 -14.57 -9.40 -5.95
N VAL A 234 -15.55 -8.89 -6.65
CA VAL A 234 -16.73 -9.69 -6.94
C VAL A 234 -17.05 -9.55 -8.42
N PHE A 235 -16.73 -8.39 -9.00
CA PHE A 235 -17.02 -8.09 -10.40
C PHE A 235 -15.73 -7.75 -11.13
N PRO A 236 -14.84 -8.71 -11.30
CA PRO A 236 -13.50 -8.40 -11.82
C PRO A 236 -13.51 -8.22 -13.32
N ASN A 237 -14.47 -8.89 -13.98
CA ASN A 237 -14.68 -8.70 -15.41
C ASN A 237 -16.16 -8.79 -15.73
N LEU A 238 -16.66 -7.75 -16.38
CA LEU A 238 -18.00 -7.71 -16.92
C LEU A 238 -17.98 -6.71 -18.06
N PRO A 239 -18.86 -6.86 -19.05
CA PRO A 239 -18.71 -6.10 -20.30
C PRO A 239 -19.12 -4.62 -20.16
N LEU A 240 -18.16 -3.85 -19.68
CA LEU A 240 -18.27 -2.42 -19.47
C LEU A 240 -17.10 -1.74 -20.15
N PRO A 241 -17.14 -0.43 -20.31
CA PRO A 241 -15.99 0.25 -20.91
C PRO A 241 -14.74 0.17 -20.03
N HIS A 242 -14.77 0.73 -18.82
CA HIS A 242 -13.54 0.77 -18.04
C HIS A 242 -12.98 -0.62 -17.76
N TYR A 243 -13.81 -1.66 -17.87
CA TYR A 243 -13.30 -3.03 -17.84
C TYR A 243 -12.45 -3.33 -19.07
N TRP A 244 -13.00 -3.18 -20.27
CA TRP A 244 -12.19 -3.44 -21.47
C TRP A 244 -11.04 -2.46 -21.61
N ARG A 245 -11.23 -1.21 -21.18
CA ARG A 245 -10.14 -0.24 -21.23
C ARG A 245 -9.03 -0.62 -20.26
N ARG A 246 -9.36 -1.32 -19.17
CA ARG A 246 -8.31 -1.77 -18.27
C ARG A 246 -7.55 -2.93 -18.87
N ASP A 247 -8.30 -3.93 -19.36
CA ASP A 247 -7.71 -5.04 -20.08
C ASP A 247 -6.75 -4.56 -21.15
N ALA A 248 -7.21 -3.63 -21.99
CA ALA A 248 -6.33 -3.05 -23.00
C ALA A 248 -5.21 -2.23 -22.39
N ALA A 249 -5.45 -1.67 -21.21
CA ALA A 249 -4.42 -0.85 -20.59
C ALA A 249 -3.27 -1.71 -20.12
N GLN A 250 -3.58 -2.89 -19.58
CA GLN A 250 -2.54 -3.79 -19.11
C GLN A 250 -1.73 -4.31 -20.28
N LYS A 251 -2.43 -4.61 -21.39
CA LYS A 251 -1.77 -5.11 -22.60
C LYS A 251 -0.84 -4.07 -23.20
N LYS A 252 -1.27 -2.83 -23.25
CA LYS A 252 -0.38 -1.84 -23.82
C LYS A 252 0.81 -1.55 -22.91
N ILE A 253 0.64 -1.62 -21.60
CA ILE A 253 1.74 -1.24 -20.71
C ILE A 253 2.76 -2.36 -20.58
N SER A 254 2.31 -3.61 -20.52
CA SER A 254 3.28 -4.70 -20.47
C SER A 254 4.12 -4.68 -21.73
N ALA A 255 3.46 -4.61 -22.90
CA ALA A 255 4.22 -4.60 -24.13
C ALA A 255 5.20 -3.44 -24.18
N THR A 256 4.87 -2.32 -23.54
CA THR A 256 5.85 -1.25 -23.40
C THR A 256 7.07 -1.72 -22.62
N TYR A 257 6.85 -2.44 -21.52
CA TYR A 257 7.97 -2.92 -20.71
C TYR A 257 8.66 -4.06 -21.44
N MET A 258 7.87 -4.98 -22.02
CA MET A 258 8.41 -5.99 -22.93
C MET A 258 9.27 -5.37 -24.03
N LYS A 259 8.96 -4.15 -24.43
CA LYS A 259 9.82 -3.47 -25.39
C LYS A 259 11.09 -2.96 -24.73
N GLU A 260 11.04 -2.48 -23.49
CA GLU A 260 12.28 -2.01 -22.87
C GLU A 260 13.19 -3.17 -22.57
N ILE A 261 12.61 -4.28 -22.11
CA ILE A 261 13.38 -5.50 -21.88
C ILE A 261 14.15 -5.86 -23.15
N LYS A 262 13.43 -6.16 -24.24
CA LYS A 262 14.10 -6.52 -25.51
C LYS A 262 15.15 -5.49 -25.92
N SER A 263 14.82 -4.21 -25.83
CA SER A 263 15.75 -3.21 -26.30
C SER A 263 17.01 -3.10 -25.44
N ARG A 264 16.95 -3.43 -24.14
CA ARG A 264 18.22 -3.38 -23.41
C ARG A 264 18.94 -4.72 -23.39
N ARG A 265 18.21 -5.83 -23.57
CA ARG A 265 18.87 -7.10 -23.77
C ARG A 265 19.77 -6.98 -24.97
N GLU A 266 19.15 -6.91 -26.16
CA GLU A 266 19.90 -6.93 -27.40
C GLU A 266 20.92 -5.80 -27.49
N ARG A 267 20.76 -4.75 -26.68
CA ARG A 267 21.80 -3.73 -26.61
C ARG A 267 22.97 -4.15 -25.74
N GLY A 268 22.87 -5.26 -25.02
CA GLY A 268 23.82 -5.57 -23.97
C GLY A 268 23.78 -4.61 -22.80
N ASP A 269 22.64 -3.97 -22.54
CA ASP A 269 22.55 -2.96 -21.47
C ASP A 269 21.82 -3.55 -20.27
N ILE A 270 22.48 -4.51 -19.66
CA ILE A 270 21.97 -5.15 -18.47
C ILE A 270 23.01 -4.92 -17.40
N ASP A 271 22.68 -4.06 -16.46
CA ASP A 271 23.59 -3.61 -15.40
C ASP A 271 23.05 -4.11 -14.07
N PRO A 272 23.65 -5.14 -13.47
CA PRO A 272 22.99 -5.85 -12.37
C PRO A 272 22.75 -5.02 -11.10
N ASN A 273 23.40 -3.87 -10.93
CA ASN A 273 22.98 -2.93 -9.91
C ASN A 273 22.83 -1.53 -10.52
N ARG A 274 21.58 -1.26 -10.88
CA ARG A 274 21.17 0.06 -11.33
C ARG A 274 19.66 0.16 -11.09
N ASP A 275 18.87 -0.44 -11.99
CA ASP A 275 17.42 -0.38 -12.01
C ASP A 275 16.87 -1.65 -11.41
N LEU A 276 15.55 -1.72 -11.36
CA LEU A 276 14.84 -2.95 -11.06
C LEU A 276 14.55 -3.76 -12.31
N ILE A 277 14.51 -3.11 -13.47
CA ILE A 277 14.40 -3.89 -14.70
C ILE A 277 15.65 -4.72 -14.90
N ASP A 278 16.83 -4.11 -14.78
CA ASP A 278 18.08 -4.87 -14.72
C ASP A 278 17.93 -6.02 -13.75
N SER A 279 17.83 -5.70 -12.46
CA SER A 279 17.87 -6.74 -11.44
C SER A 279 16.87 -7.84 -11.74
N LEU A 280 15.69 -7.49 -12.24
CA LEU A 280 14.73 -8.52 -12.62
C LEU A 280 15.19 -9.28 -13.85
N LEU A 281 15.97 -8.65 -14.75
CA LEU A 281 16.45 -9.37 -15.94
C LEU A 281 17.42 -10.47 -15.55
N ILE A 282 18.48 -10.11 -14.83
CA ILE A 282 19.46 -11.02 -14.25
C ILE A 282 18.79 -12.18 -13.54
N HIS A 283 18.24 -11.88 -12.36
CA HIS A 283 17.57 -12.87 -11.51
C HIS A 283 16.11 -12.99 -11.92
N SER A 284 15.76 -14.07 -12.60
CA SER A 284 14.37 -14.38 -12.93
C SER A 284 14.25 -15.83 -13.40
N THR A 285 15.09 -16.70 -12.83
CA THR A 285 15.05 -18.14 -13.02
C THR A 285 14.76 -18.77 -11.66
N TYR A 286 13.75 -19.65 -11.63
CA TYR A 286 13.21 -20.24 -10.42
C TYR A 286 14.13 -21.32 -9.84
N LYS A 287 13.76 -21.81 -8.65
CA LYS A 287 14.51 -22.90 -8.01
C LYS A 287 14.62 -24.11 -8.94
N ASP A 288 13.50 -24.48 -9.57
CA ASP A 288 13.43 -25.60 -10.50
C ASP A 288 13.83 -25.22 -11.92
N GLY A 289 14.72 -24.22 -12.08
CA GLY A 289 15.26 -23.84 -13.37
C GLY A 289 14.27 -23.28 -14.37
N VAL A 290 13.01 -23.11 -13.98
CA VAL A 290 11.99 -22.55 -14.85
C VAL A 290 12.11 -21.02 -14.87
N LYS A 291 11.76 -20.46 -16.02
CA LYS A 291 12.18 -19.13 -16.45
C LYS A 291 10.95 -18.24 -16.56
N MET A 292 11.01 -17.05 -15.96
CA MET A 292 9.90 -16.14 -16.14
C MET A 292 9.92 -15.67 -17.58
N THR A 293 8.74 -15.41 -18.12
CA THR A 293 8.68 -15.01 -19.51
C THR A 293 8.91 -13.51 -19.63
N ASP A 294 8.98 -13.02 -20.87
CA ASP A 294 9.16 -11.59 -21.03
C ASP A 294 7.95 -10.82 -20.53
N GLN A 295 6.75 -11.32 -20.83
CA GLN A 295 5.61 -10.62 -20.29
C GLN A 295 5.50 -10.79 -18.77
N GLU A 296 5.75 -12.00 -18.26
CA GLU A 296 5.61 -12.20 -16.83
C GLU A 296 6.43 -11.20 -16.04
N ILE A 297 7.66 -10.94 -16.50
CA ILE A 297 8.44 -9.84 -15.91
C ILE A 297 7.71 -8.52 -16.08
N ALA A 298 7.06 -8.32 -17.23
CA ALA A 298 6.41 -7.04 -17.44
C ALA A 298 5.24 -6.88 -16.49
N ASN A 299 4.40 -7.91 -16.37
CA ASN A 299 3.28 -7.87 -15.42
C ASN A 299 3.76 -7.58 -14.00
N LEU A 300 4.64 -8.43 -13.49
CA LEU A 300 5.22 -8.17 -12.18
C LEU A 300 5.71 -6.73 -12.07
N LEU A 301 6.37 -6.23 -13.09
CA LEU A 301 6.75 -4.81 -13.10
C LEU A 301 5.54 -3.92 -12.86
N ILE A 302 4.39 -4.29 -13.46
CA ILE A 302 3.21 -3.45 -13.40
C ILE A 302 2.66 -3.44 -11.99
N GLY A 303 2.42 -4.63 -11.43
CA GLY A 303 2.05 -4.79 -10.05
C GLY A 303 2.91 -3.99 -9.11
N ILE A 304 4.22 -4.23 -9.15
CA ILE A 304 5.13 -3.49 -8.28
C ILE A 304 4.91 -2.00 -8.40
N LEU A 305 4.86 -1.49 -9.63
CA LEU A 305 4.75 -0.05 -9.83
C LEU A 305 3.43 0.47 -9.29
N MET A 306 2.38 -0.32 -9.43
CA MET A 306 1.03 0.15 -9.10
C MET A 306 0.77 0.06 -7.61
N GLY A 307 1.14 -1.06 -6.99
CA GLY A 307 1.05 -1.27 -5.57
C GLY A 307 1.79 -0.19 -4.83
N GLY A 308 3.08 -0.09 -5.10
CA GLY A 308 3.90 0.90 -4.43
C GLY A 308 3.49 2.33 -4.74
N GLN A 309 2.96 2.57 -5.95
CA GLN A 309 2.59 3.94 -6.28
C GLN A 309 1.41 4.38 -5.45
N HIS A 310 0.41 3.49 -5.27
CA HIS A 310 -0.72 3.80 -4.39
C HIS A 310 -0.26 4.04 -2.97
N THR A 311 0.34 3.02 -2.34
CA THR A 311 0.55 3.10 -0.89
C THR A 311 1.52 4.21 -0.52
N SER A 312 2.48 4.53 -1.40
CA SER A 312 3.42 5.60 -1.12
C SER A 312 2.82 6.98 -1.41
N ALA A 313 2.09 7.15 -2.52
CA ALA A 313 1.55 8.46 -2.82
C ALA A 313 0.55 8.87 -1.77
N SER A 314 -0.12 7.89 -1.17
CA SER A 314 -1.09 8.15 -0.11
C SER A 314 -0.39 8.72 1.13
N THR A 315 0.59 7.97 1.62
CA THR A 315 1.32 8.36 2.83
C THR A 315 1.95 9.75 2.69
N SER A 316 2.51 10.06 1.52
CA SER A 316 3.06 11.40 1.36
C SER A 316 1.96 12.45 1.30
N ALA A 317 0.79 12.07 0.77
CA ALA A 317 -0.32 13.02 0.73
C ALA A 317 -0.71 13.39 2.14
N TRP A 318 -0.89 12.38 2.99
CA TRP A 318 -1.30 12.63 4.36
C TRP A 318 -0.25 13.45 5.11
N PHE A 319 1.00 12.99 5.14
CA PHE A 319 1.95 13.78 5.92
C PHE A 319 2.15 15.17 5.35
N LEU A 320 1.69 15.41 4.12
CA LEU A 320 1.64 16.77 3.61
C LEU A 320 0.50 17.53 4.26
N LEU A 321 -0.70 16.93 4.25
CA LEU A 321 -1.86 17.53 4.91
C LEU A 321 -1.59 17.78 6.40
N HIS A 322 -1.22 16.74 7.14
CA HIS A 322 -0.99 16.87 8.57
C HIS A 322 0.08 17.90 8.89
N LEU A 323 1.14 17.95 8.12
CA LEU A 323 2.09 19.03 8.38
C LEU A 323 1.50 20.38 8.03
N GLY A 324 0.45 20.41 7.19
CA GLY A 324 -0.23 21.66 6.93
C GLY A 324 -1.22 22.02 8.02
N GLU A 325 -1.75 21.02 8.73
CA GLU A 325 -2.61 21.28 9.89
C GLU A 325 -1.79 21.70 11.10
N LYS A 326 -0.65 21.00 11.36
CA LYS A 326 0.25 21.36 12.45
C LYS A 326 1.56 21.91 11.90
N PRO A 327 1.56 23.05 11.18
CA PRO A 327 2.77 23.54 10.51
C PRO A 327 4.01 23.62 11.38
N HIS A 328 3.84 23.56 12.70
CA HIS A 328 5.01 23.42 13.56
C HIS A 328 5.85 22.22 13.12
N LEU A 329 5.20 21.19 12.64
CA LEU A 329 5.91 19.95 12.37
C LEU A 329 6.75 20.05 11.09
N GLN A 330 6.37 20.89 10.13
CA GLN A 330 7.29 21.20 9.04
C GLN A 330 8.56 21.84 9.55
N ASP A 331 8.48 22.60 10.63
CA ASP A 331 9.64 23.35 11.11
C ASP A 331 10.60 22.47 11.90
N VAL A 332 10.09 21.48 12.62
CA VAL A 332 10.97 20.46 13.20
C VAL A 332 11.78 19.81 12.09
N ILE A 333 11.08 19.14 11.17
CA ILE A 333 11.71 18.39 10.09
C ILE A 333 12.52 19.28 9.18
N TYR A 334 12.34 20.59 9.26
CA TYR A 334 13.14 21.52 8.46
C TYR A 334 14.47 21.80 9.12
N GLN A 335 14.44 22.29 10.36
CA GLN A 335 15.67 22.63 11.07
C GLN A 335 16.59 21.42 11.16
N GLU A 336 16.02 20.23 11.19
CA GLU A 336 16.83 19.02 11.27
C GLU A 336 17.73 18.87 10.03
N VAL A 337 17.22 19.25 8.85
CA VAL A 337 18.02 19.03 7.66
C VAL A 337 19.03 20.13 7.43
N VAL A 338 18.82 21.33 7.97
CA VAL A 338 19.81 22.37 7.74
C VAL A 338 20.98 22.22 8.71
N GLU A 339 20.75 21.60 9.87
CA GLU A 339 21.86 21.27 10.77
C GLU A 339 22.79 20.24 10.15
N LEU A 340 22.21 19.29 9.39
CA LEU A 340 23.05 18.31 8.69
C LEU A 340 23.78 18.95 7.52
N LEU A 341 23.06 19.73 6.72
CA LEU A 341 23.68 20.38 5.57
C LEU A 341 24.72 21.40 6.01
N LYS A 342 24.51 22.07 7.14
CA LYS A 342 25.51 23.02 7.61
C LYS A 342 26.78 22.30 8.02
N GLU A 343 26.67 21.06 8.47
CA GLU A 343 27.84 20.24 8.78
C GLU A 343 28.54 19.75 7.53
N LYS A 344 27.88 19.78 6.38
CA LYS A 344 28.47 19.41 5.11
C LYS A 344 28.76 20.60 4.22
N GLY A 345 28.33 21.80 4.61
CA GLY A 345 28.40 22.99 3.78
C GLY A 345 28.02 22.71 2.34
N GLY A 346 26.93 21.98 2.13
CA GLY A 346 26.74 21.36 0.83
C GLY A 346 25.37 21.43 0.22
N ASP A 347 24.47 22.25 0.76
CA ASP A 347 23.16 22.47 0.13
C ASP A 347 22.35 21.18 0.12
N LEU A 348 21.16 21.20 -0.49
CA LEU A 348 20.29 20.02 -0.48
C LEU A 348 20.75 18.96 -1.47
N ASN A 349 21.49 19.35 -2.50
CA ASN A 349 21.97 18.38 -3.46
C ASN A 349 23.02 17.45 -2.88
N ASP A 350 23.48 17.71 -1.66
CA ASP A 350 24.43 16.86 -0.97
C ASP A 350 23.78 16.10 0.20
N LEU A 351 22.47 15.88 0.13
CA LEU A 351 21.74 15.13 1.15
C LEU A 351 21.55 13.70 0.64
N THR A 352 22.22 12.74 1.29
CA THR A 352 22.42 11.38 0.78
C THR A 352 21.53 10.39 1.53
N TYR A 353 21.65 9.11 1.14
CA TYR A 353 20.87 8.06 1.79
C TYR A 353 21.20 7.98 3.27
N GLU A 354 22.48 7.97 3.61
CA GLU A 354 22.86 7.86 5.01
C GLU A 354 22.39 9.08 5.79
N ASP A 355 22.22 10.22 5.12
CA ASP A 355 21.68 11.38 5.79
C ASP A 355 20.20 11.20 6.12
N LEU A 356 19.45 10.50 5.26
CA LEU A 356 18.09 10.12 5.62
C LEU A 356 18.08 9.31 6.91
N GLN A 357 19.12 8.52 7.13
CA GLN A 357 19.15 7.68 8.31
C GLN A 357 19.46 8.45 9.58
N LYS A 358 19.72 9.76 9.47
CA LYS A 358 20.07 10.60 10.60
C LYS A 358 19.09 11.76 10.80
N LEU A 359 17.89 11.68 10.19
CA LEU A 359 16.87 12.73 10.25
C LEU A 359 15.59 12.13 10.82
N PRO A 360 15.50 12.00 12.14
CA PRO A 360 14.41 11.25 12.75
C PRO A 360 13.06 11.96 12.76
N SER A 361 13.02 13.27 12.52
CA SER A 361 11.75 13.94 12.24
C SER A 361 11.10 13.33 11.01
N VAL A 362 11.88 13.20 9.93
CA VAL A 362 11.39 12.61 8.68
C VAL A 362 10.83 11.22 8.93
N ASN A 363 11.63 10.38 9.59
CA ASN A 363 11.31 8.96 9.70
C ASN A 363 10.14 8.73 10.65
N ASN A 364 10.13 9.46 11.76
CA ASN A 364 9.01 9.34 12.69
C ASN A 364 7.73 9.93 12.10
N THR A 365 7.83 11.11 11.46
CA THR A 365 6.71 11.61 10.67
C THR A 365 6.14 10.53 9.76
N ILE A 366 7.00 9.90 8.94
CA ILE A 366 6.54 8.81 8.10
C ILE A 366 6.01 7.67 8.95
N LYS A 367 6.76 7.31 10.01
CA LYS A 367 6.30 6.27 10.93
C LYS A 367 4.95 6.65 11.54
N GLU A 368 4.79 7.92 11.93
CA GLU A 368 3.52 8.35 12.51
C GLU A 368 2.41 8.38 11.48
N THR A 369 2.68 8.96 10.30
CA THR A 369 1.68 9.02 9.24
C THR A 369 1.17 7.63 8.90
N LEU A 370 2.02 6.60 9.05
CA LEU A 370 1.63 5.25 8.71
C LEU A 370 0.83 4.61 9.83
N ARG A 371 1.11 4.99 11.08
CA ARG A 371 0.25 4.60 12.20
C ARG A 371 -1.15 5.19 12.01
N MET A 372 -1.24 6.52 11.92
CA MET A 372 -2.56 7.13 11.82
C MET A 372 -3.29 6.75 10.55
N HIS A 373 -2.57 6.38 9.51
CA HIS A 373 -3.18 6.25 8.20
C HIS A 373 -2.60 5.09 7.41
N MET A 374 -2.61 3.87 7.97
CA MET A 374 -2.12 2.74 7.20
C MET A 374 -2.97 2.60 5.95
N PRO A 375 -2.34 2.29 4.76
CA PRO A 375 -3.03 2.44 3.48
C PRO A 375 -3.99 1.33 3.17
N LEU A 376 -3.67 0.13 3.65
CA LEU A 376 -4.59 -0.99 3.60
C LEU A 376 -5.20 -1.12 4.98
N HIS A 377 -6.50 -1.36 5.03
CA HIS A 377 -7.17 -1.44 6.31
C HIS A 377 -7.58 -2.85 6.65
N SER A 378 -8.00 -3.60 5.64
CA SER A 378 -8.27 -5.01 5.76
C SER A 378 -7.18 -5.78 5.02
N ILE A 379 -6.89 -6.97 5.52
CA ILE A 379 -5.92 -7.88 4.95
C ILE A 379 -6.52 -9.27 5.01
N PHE A 380 -6.69 -9.89 3.85
CA PHE A 380 -7.41 -11.16 3.75
C PHE A 380 -6.48 -12.33 3.47
N ARG A 381 -6.96 -13.49 3.88
CA ARG A 381 -6.60 -14.76 3.31
C ARG A 381 -7.90 -15.53 3.17
N LYS A 382 -7.92 -16.54 2.32
CA LYS A 382 -9.07 -17.43 2.22
C LYS A 382 -8.73 -18.79 2.84
N VAL A 383 -9.73 -19.51 3.34
CA VAL A 383 -9.51 -20.69 4.15
C VAL A 383 -9.69 -21.93 3.29
N THR A 384 -8.68 -22.80 3.32
CA THR A 384 -8.52 -23.90 2.39
C THR A 384 -8.67 -25.27 3.02
N ASN A 385 -8.49 -25.37 4.35
CA ASN A 385 -8.97 -26.50 5.12
C ASN A 385 -9.39 -25.96 6.48
N PRO A 386 -10.36 -26.58 7.15
CA PRO A 386 -10.86 -26.04 8.43
C PRO A 386 -9.72 -25.68 9.38
N LEU A 387 -9.88 -24.53 10.04
CA LEU A 387 -8.81 -23.91 10.81
C LEU A 387 -9.32 -23.58 12.21
N ARG A 388 -8.77 -24.26 13.21
CA ARG A 388 -9.18 -24.04 14.60
C ARG A 388 -8.70 -22.67 15.08
N ILE A 389 -9.61 -21.87 15.60
CA ILE A 389 -9.21 -20.58 16.18
C ILE A 389 -8.74 -20.83 17.61
N PRO A 390 -7.61 -20.25 18.02
CA PRO A 390 -7.03 -20.61 19.32
C PRO A 390 -7.84 -20.06 20.47
N GLU A 391 -7.75 -20.79 21.59
CA GLU A 391 -8.53 -20.52 22.81
C GLU A 391 -9.97 -20.14 22.48
N THR A 392 -10.54 -20.89 21.55
CA THR A 392 -11.98 -20.98 21.38
C THR A 392 -12.28 -22.39 20.92
N ASN A 393 -13.56 -22.70 20.83
CA ASN A 393 -13.98 -23.87 20.09
C ASN A 393 -14.41 -23.49 18.68
N TYR A 394 -14.23 -22.22 18.28
CA TYR A 394 -14.56 -21.78 16.93
C TYR A 394 -13.57 -22.36 15.91
N ILE A 395 -14.10 -22.88 14.81
CA ILE A 395 -13.32 -23.37 13.69
C ILE A 395 -13.79 -22.64 12.43
N VAL A 396 -12.86 -22.03 11.72
CA VAL A 396 -13.16 -21.41 10.43
C VAL A 396 -13.24 -22.53 9.39
N PRO A 397 -14.35 -22.67 8.68
CA PRO A 397 -14.46 -23.74 7.68
C PRO A 397 -13.76 -23.37 6.38
N LYS A 398 -13.55 -24.38 5.54
CA LYS A 398 -13.10 -24.11 4.17
C LYS A 398 -14.23 -23.36 3.48
N GLY A 399 -13.98 -22.11 3.14
CA GLY A 399 -14.97 -21.33 2.45
C GLY A 399 -15.07 -19.91 2.95
N HIS A 400 -14.56 -19.68 4.14
CA HIS A 400 -14.68 -18.36 4.73
C HIS A 400 -13.35 -17.64 4.58
N TYR A 401 -13.33 -16.40 5.01
CA TYR A 401 -12.15 -15.58 4.92
C TYR A 401 -11.72 -15.17 6.31
N VAL A 402 -10.43 -14.99 6.46
CA VAL A 402 -9.85 -14.42 7.67
C VAL A 402 -9.45 -12.99 7.33
N LEU A 403 -9.38 -12.16 8.35
CA LEU A 403 -9.13 -10.74 8.13
C LEU A 403 -8.36 -10.22 9.33
N VAL A 404 -7.08 -9.92 9.14
CA VAL A 404 -6.35 -9.17 10.14
C VAL A 404 -6.49 -7.70 9.76
N SER A 405 -6.06 -6.81 10.64
CA SER A 405 -6.23 -5.38 10.43
C SER A 405 -5.31 -4.57 11.32
N PRO A 406 -4.01 -4.51 11.03
CA PRO A 406 -3.09 -3.77 11.90
C PRO A 406 -3.50 -2.33 12.06
N GLY A 407 -4.47 -1.91 11.27
CA GLY A 407 -4.96 -0.54 11.31
C GLY A 407 -5.82 -0.26 12.53
N TYR A 408 -6.77 -1.15 12.83
CA TYR A 408 -7.59 -1.00 14.03
C TYR A 408 -6.71 -0.74 15.25
N ALA A 409 -5.76 -1.64 15.49
CA ALA A 409 -4.78 -1.50 16.56
C ALA A 409 -3.91 -0.26 16.41
N HIS A 410 -3.71 0.26 15.19
CA HIS A 410 -2.87 1.44 15.06
C HIS A 410 -3.53 2.67 15.67
N THR A 411 -4.85 2.67 15.81
CA THR A 411 -5.59 3.82 16.31
C THR A 411 -6.54 3.43 17.44
N SER A 412 -6.06 2.63 18.40
CA SER A 412 -6.83 2.28 19.58
C SER A 412 -6.10 2.78 20.82
N GLU A 413 -6.81 3.52 21.66
CA GLU A 413 -6.38 3.80 23.03
C GLU A 413 -5.83 2.55 23.73
N ARG A 414 -6.23 1.34 23.29
CA ARG A 414 -5.69 0.12 23.86
C ARG A 414 -4.18 0.02 23.66
N TYR A 415 -3.67 0.46 22.51
CA TYR A 415 -2.28 0.23 22.15
C TYR A 415 -1.45 1.48 21.98
N PHE A 416 -2.06 2.59 21.60
CA PHE A 416 -1.41 3.89 21.63
C PHE A 416 -2.35 4.85 22.33
N ASP A 417 -1.81 5.73 23.19
CA ASP A 417 -2.69 6.70 23.82
C ASP A 417 -2.66 8.02 23.04
N ASN A 418 -3.81 8.68 23.03
CA ASN A 418 -4.13 9.75 22.09
C ASN A 418 -3.88 9.33 20.65
N PRO A 419 -4.53 8.27 20.17
CA PRO A 419 -4.45 7.95 18.73
C PRO A 419 -4.86 9.11 17.83
N GLU A 420 -5.68 10.03 18.33
CA GLU A 420 -6.09 11.19 17.54
C GLU A 420 -4.91 12.13 17.25
N ASP A 421 -3.89 12.12 18.09
CA ASP A 421 -2.85 13.13 18.05
C ASP A 421 -1.81 12.71 17.02
N PHE A 422 -1.74 13.46 15.91
CA PHE A 422 -0.65 13.27 14.97
C PHE A 422 0.61 13.73 15.68
N ASP A 423 1.26 12.79 16.35
CA ASP A 423 2.44 13.07 17.16
C ASP A 423 3.64 12.34 16.57
N PRO A 424 4.47 13.00 15.76
CA PRO A 424 5.69 12.32 15.29
C PRO A 424 6.69 12.02 16.41
N THR A 425 6.68 12.77 17.53
CA THR A 425 7.65 12.55 18.60
C THR A 425 7.41 11.26 19.36
N ARG A 426 6.20 10.72 19.34
CA ARG A 426 5.86 9.52 20.09
C ARG A 426 6.79 8.33 19.85
N TRP A 427 7.76 8.44 18.93
CA TRP A 427 8.58 7.31 18.51
C TRP A 427 9.99 7.35 19.10
N ASP A 428 10.20 8.12 20.17
CA ASP A 428 11.49 8.19 20.85
C ASP A 428 11.48 7.38 22.16
N THR A 429 12.46 7.64 23.04
CA THR A 429 12.76 6.81 24.22
C THR A 429 13.21 5.42 23.75
N SER A 442 12.85 -10.92 19.16
CA SER A 442 12.81 -12.23 18.47
C SER A 442 13.74 -12.28 17.23
N ASP A 443 14.38 -13.44 17.00
CA ASP A 443 15.22 -13.61 15.81
C ASP A 443 14.34 -13.78 14.56
N GLU A 444 14.87 -14.39 13.50
CA GLU A 444 14.31 -14.22 12.17
C GLU A 444 14.07 -15.55 11.46
N VAL A 445 13.26 -15.49 10.40
CA VAL A 445 13.03 -16.60 9.49
C VAL A 445 13.05 -16.05 8.05
N ASP A 446 13.36 -16.95 7.10
CA ASP A 446 13.40 -16.62 5.68
C ASP A 446 12.48 -17.56 4.91
N TYR A 447 11.37 -17.03 4.40
CA TYR A 447 10.42 -17.83 3.63
C TYR A 447 10.84 -17.99 2.17
N GLY A 448 11.72 -17.13 1.70
CA GLY A 448 12.06 -17.17 0.30
C GLY A 448 12.81 -15.93 -0.11
N PHE A 449 12.44 -14.77 0.43
CA PHE A 449 12.86 -13.52 -0.15
C PHE A 449 13.84 -12.74 0.73
N GLY A 450 14.60 -13.44 1.56
CA GLY A 450 15.45 -12.82 2.55
C GLY A 450 14.82 -12.95 3.91
N LYS A 451 15.60 -12.61 4.96
CA LYS A 451 15.10 -12.82 6.32
C LYS A 451 14.09 -11.74 6.74
N VAL A 452 12.96 -12.20 7.27
CA VAL A 452 11.96 -11.33 7.85
C VAL A 452 11.82 -11.70 9.32
N SER A 453 10.94 -11.00 10.03
CA SER A 453 10.72 -11.28 11.44
C SER A 453 9.86 -12.53 11.65
N LYS A 454 10.18 -13.32 12.70
CA LYS A 454 9.23 -14.31 13.20
C LYS A 454 8.16 -13.64 14.05
N GLY A 455 8.53 -12.56 14.72
CA GLY A 455 7.61 -11.83 15.55
C GLY A 455 6.65 -11.01 14.72
N VAL A 456 5.35 -11.22 14.92
CA VAL A 456 4.31 -10.47 14.25
C VAL A 456 3.44 -9.68 15.23
N SER A 457 3.60 -9.91 16.53
CA SER A 457 2.66 -9.46 17.56
C SER A 457 2.75 -7.97 17.85
N SER A 458 3.60 -7.20 17.18
CA SER A 458 3.63 -5.78 17.51
C SER A 458 2.30 -5.15 17.13
N PRO A 459 1.76 -4.28 17.97
CA PRO A 459 0.55 -3.57 17.57
C PRO A 459 0.71 -2.82 16.27
N TYR A 460 1.96 -2.45 15.94
CA TYR A 460 2.28 -1.57 14.82
C TYR A 460 2.82 -2.41 13.67
N LEU A 461 1.95 -2.74 12.71
CA LEU A 461 2.34 -3.58 11.57
C LEU A 461 1.93 -2.94 10.24
N PRO A 462 2.46 -1.76 9.93
CA PRO A 462 2.04 -1.10 8.69
C PRO A 462 2.43 -1.88 7.45
N PHE A 463 3.55 -2.60 7.49
CA PHE A 463 4.02 -3.36 6.33
C PHE A 463 3.71 -4.83 6.44
N GLY A 464 2.81 -5.21 7.31
CA GLY A 464 2.41 -6.59 7.37
C GLY A 464 3.46 -7.47 8.02
N GLY A 465 3.34 -8.76 7.74
CA GLY A 465 4.26 -9.72 8.33
C GLY A 465 4.02 -11.10 7.77
N GLY A 466 4.95 -11.96 8.07
CA GLY A 466 4.88 -13.30 7.56
C GLY A 466 5.42 -13.41 6.15
N ARG A 467 5.02 -14.49 5.49
CA ARG A 467 5.53 -14.73 4.15
C ARG A 467 5.07 -13.66 3.17
N HIS A 468 3.91 -13.03 3.40
CA HIS A 468 3.45 -11.99 2.51
C HIS A 468 3.93 -10.62 2.94
N ARG A 469 4.91 -10.56 3.82
CA ARG A 469 5.50 -9.30 4.27
C ARG A 469 5.93 -8.43 3.08
N CYS A 470 5.77 -7.11 3.24
CA CYS A 470 6.15 -6.18 2.18
C CYS A 470 7.66 -6.14 1.97
N ILE A 471 8.11 -5.97 0.72
CA ILE A 471 9.52 -5.77 0.44
C ILE A 471 9.88 -4.33 0.09
N GLY A 472 8.90 -3.47 -0.11
CA GLY A 472 9.26 -2.10 -0.39
C GLY A 472 9.27 -1.18 0.81
N GLU A 473 9.23 -1.70 2.04
CA GLU A 473 9.31 -0.84 3.22
C GLU A 473 10.52 0.07 3.20
N GLN A 474 11.74 -0.48 3.28
CA GLN A 474 12.89 0.41 3.35
C GLN A 474 12.93 1.35 2.15
N PHE A 475 12.51 0.86 0.98
CA PHE A 475 12.43 1.72 -0.22
C PHE A 475 11.46 2.86 0.00
N ALA A 476 10.27 2.57 0.55
CA ALA A 476 9.28 3.60 0.81
C ALA A 476 9.85 4.71 1.70
N TYR A 477 10.64 4.36 2.70
CA TYR A 477 11.17 5.45 3.52
C TYR A 477 12.21 6.25 2.77
N VAL A 478 12.79 5.71 1.69
CA VAL A 478 13.68 6.49 0.85
C VAL A 478 12.87 7.43 -0.05
N GLN A 479 11.72 6.98 -0.53
CA GLN A 479 10.88 7.83 -1.35
C GLN A 479 10.21 8.90 -0.48
N LEU A 480 9.18 8.51 0.26
CA LEU A 480 8.54 9.36 1.26
C LEU A 480 9.57 10.24 1.92
N GLY A 481 10.74 9.67 2.22
CA GLY A 481 11.78 10.43 2.89
C GLY A 481 12.33 11.56 2.05
N THR A 482 12.45 11.36 0.73
CA THR A 482 13.01 12.44 -0.09
C THR A 482 11.95 13.39 -0.58
N ILE A 483 10.79 12.87 -0.96
CA ILE A 483 9.61 13.73 -1.13
C ILE A 483 9.52 14.69 0.05
N LEU A 484 9.37 14.13 1.25
CA LEU A 484 9.17 14.95 2.43
C LEU A 484 10.30 15.96 2.60
N THR A 485 11.55 15.48 2.68
CA THR A 485 12.64 16.43 2.91
C THR A 485 12.69 17.50 1.83
N THR A 486 12.38 17.15 0.59
CA THR A 486 12.47 18.12 -0.49
C THR A 486 11.36 19.17 -0.35
N PHE A 487 10.11 18.72 -0.15
CA PHE A 487 8.99 19.63 0.10
C PHE A 487 9.30 20.62 1.20
N VAL A 488 9.60 20.11 2.39
CA VAL A 488 9.84 21.00 3.53
C VAL A 488 10.94 21.99 3.21
N TYR A 489 11.99 21.53 2.55
CA TYR A 489 13.15 22.39 2.31
C TYR A 489 12.80 23.59 1.44
N ASN A 490 11.90 23.41 0.47
CA ASN A 490 11.53 24.47 -0.47
C ASN A 490 10.20 25.12 -0.16
N LEU A 491 9.32 24.43 0.54
CA LEU A 491 7.96 24.87 0.69
C LEU A 491 7.59 24.93 2.16
N ARG A 492 6.93 26.01 2.54
CA ARG A 492 6.22 26.09 3.79
C ARG A 492 4.74 26.16 3.47
N TRP A 493 3.92 25.38 4.18
CA TRP A 493 2.54 25.26 3.74
C TRP A 493 1.56 25.14 4.92
N THR A 494 0.27 25.37 4.62
CA THR A 494 -0.84 25.20 5.55
C THR A 494 -1.99 24.56 4.79
N ILE A 495 -3.14 24.36 5.45
CA ILE A 495 -4.23 23.68 4.75
C ILE A 495 -5.62 24.30 4.84
N ASP A 496 -5.74 25.57 5.23
CA ASP A 496 -7.03 26.27 5.12
C ASP A 496 -8.15 25.59 5.90
N GLY A 497 -8.53 26.19 7.02
CA GLY A 497 -9.48 25.58 7.91
C GLY A 497 -8.85 24.69 8.95
N TYR A 498 -7.60 24.27 8.72
CA TYR A 498 -6.89 23.36 9.62
C TYR A 498 -7.70 22.09 9.86
N LYS A 499 -8.68 21.91 8.97
CA LYS A 499 -9.48 20.71 8.80
C LYS A 499 -8.70 19.78 7.88
N VAL A 500 -8.06 18.78 8.47
CA VAL A 500 -7.55 17.63 7.72
C VAL A 500 -8.72 16.89 7.10
N PRO A 501 -8.65 16.51 5.83
CA PRO A 501 -9.79 15.81 5.22
C PRO A 501 -10.19 14.56 5.98
N ASP A 502 -11.46 14.24 5.87
CA ASP A 502 -11.95 12.93 6.25
C ASP A 502 -11.42 11.88 5.28
N PRO A 503 -11.20 10.66 5.76
CA PRO A 503 -10.71 9.59 4.90
C PRO A 503 -11.82 8.89 4.13
N ASP A 504 -11.49 8.47 2.90
CA ASP A 504 -12.39 7.71 2.04
C ASP A 504 -11.94 6.25 1.97
N TYR A 505 -12.92 5.34 1.82
CA TYR A 505 -12.63 3.91 1.68
C TYR A 505 -13.35 3.28 0.50
N SER A 506 -13.79 4.07 -0.49
CA SER A 506 -14.40 3.49 -1.67
C SER A 506 -13.45 2.58 -2.41
N SER A 507 -12.15 2.70 -2.16
CA SER A 507 -11.11 2.38 -3.13
C SER A 507 -10.12 1.36 -2.59
N MET A 508 -9.15 1.01 -3.45
CA MET A 508 -8.14 0.01 -3.13
C MET A 508 -7.35 0.43 -1.89
N VAL A 509 -6.93 1.68 -1.85
CA VAL A 509 -6.36 2.16 -0.61
C VAL A 509 -7.19 3.31 -0.06
N VAL A 510 -6.77 3.84 1.08
CA VAL A 510 -7.49 4.82 1.87
C VAL A 510 -6.86 6.19 1.62
N LEU A 511 -7.68 7.16 1.22
CA LEU A 511 -7.16 8.44 0.76
C LEU A 511 -7.99 9.58 1.32
N PRO A 512 -7.38 10.77 1.48
CA PRO A 512 -8.16 11.94 1.94
C PRO A 512 -9.26 12.28 0.95
N THR A 513 -10.41 12.69 1.49
CA THR A 513 -11.49 13.13 0.61
C THR A 513 -11.11 14.48 0.03
N GLU A 514 -11.30 14.64 -1.27
CA GLU A 514 -11.02 15.98 -1.75
C GLU A 514 -12.23 16.88 -1.51
N PRO A 515 -12.03 18.21 -1.39
CA PRO A 515 -10.82 19.00 -1.61
C PRO A 515 -9.73 18.81 -0.57
N ALA A 516 -8.67 18.12 -0.96
CA ALA A 516 -7.51 17.88 -0.11
C ALA A 516 -6.31 18.61 -0.70
N GLU A 517 -6.10 19.84 -0.27
CA GLU A 517 -5.13 20.73 -0.89
C GLU A 517 -4.21 21.30 0.18
N ILE A 518 -3.23 22.08 -0.27
CA ILE A 518 -2.24 22.65 0.64
C ILE A 518 -1.93 24.06 0.16
N ILE A 519 -1.80 24.98 1.10
CA ILE A 519 -1.50 26.38 0.82
C ILE A 519 -0.02 26.58 1.08
N TRP A 520 0.79 26.70 0.04
CA TRP A 520 2.25 26.68 0.18
C TRP A 520 2.87 28.02 -0.19
N GLU A 521 4.10 28.21 0.25
CA GLU A 521 4.93 29.35 -0.11
C GLU A 521 6.37 28.87 -0.17
N LYS A 522 7.13 29.35 -1.17
CA LYS A 522 8.57 29.10 -1.22
C LYS A 522 9.21 29.54 0.08
N ARG A 523 10.19 28.76 0.53
CA ARG A 523 10.95 29.18 1.70
C ARG A 523 11.93 30.27 1.32
N GLU A 524 12.51 30.18 0.12
CA GLU A 524 13.17 31.32 -0.54
C GLU A 524 13.02 31.14 -2.05
CHA HEM B . 3.07 -6.72 0.93
CHB HEM B . 1.92 -2.42 2.82
CHC HEM B . 5.02 -0.30 -0.23
CHD HEM B . 5.29 -4.40 -2.67
C1A HEM B . 2.50 -5.77 1.75
C2A HEM B . 1.58 -6.01 2.84
C3A HEM B . 1.28 -4.83 3.37
C4A HEM B . 1.97 -3.78 2.62
CMA HEM B . 0.34 -4.64 4.57
CAA HEM B . 1.07 -7.39 3.32
CBA HEM B . -0.16 -7.86 2.60
CGA HEM B . -0.68 -9.14 3.25
O1A HEM B . -1.84 -9.49 2.89
O2A HEM B . 0.02 -9.83 4.10
C1B HEM B . 2.70 -1.48 2.18
C2B HEM B . 2.84 -0.07 2.54
C3B HEM B . 3.68 0.50 1.66
C4B HEM B . 4.12 -0.53 0.75
CMB HEM B . 2.10 0.64 3.71
CAB HEM B . 4.23 1.94 1.54
CBB HEM B . 4.30 2.78 2.56
C1C HEM B . 5.35 -1.19 -1.19
C2C HEM B . 6.15 -0.92 -2.37
C3C HEM B . 6.20 -2.09 -3.05
C4C HEM B . 5.48 -3.09 -2.31
CMC HEM B . 6.77 0.46 -2.71
CAC HEM B . 6.93 -2.44 -4.37
CBC HEM B . 8.04 -1.83 -4.79
C1D HEM B . 4.76 -5.37 -1.88
C2D HEM B . 4.82 -6.77 -2.17
C3D HEM B . 4.21 -7.44 -1.18
C4D HEM B . 3.75 -6.45 -0.24
CMD HEM B . 5.50 -7.36 -3.41
CAD HEM B . 4.08 -8.97 -1.09
CBD HEM B . 2.68 -9.47 -0.80
CGD HEM B . 2.75 -10.98 -0.82
O1D HEM B . 3.89 -11.51 -0.68
O2D HEM B . 1.70 -11.66 -0.96
NA HEM B . 2.72 -4.41 1.63
NB HEM B . 3.50 -1.70 1.07
NC HEM B . 4.96 -2.50 -1.17
ND HEM B . 4.10 -5.19 -0.69
FE HEM B . 4.00 -3.30 0.23
C12 1YN C . -14.51 -1.01 -0.07
C11 1YN C . -15.55 -1.89 0.14
C01 1YN C . -18.37 -0.09 -4.03
C02 1YN C . -19.63 -0.02 -3.15
C03 1YN C . -19.42 0.53 -1.69
C04 1YN C . -20.72 0.75 -0.94
N05 1YN C . -18.57 -0.41 -0.92
C06 1YN C . -17.22 -0.33 -0.84
O07 1YN C . -16.48 0.55 -1.26
N08 1YN C . -16.89 -1.50 -0.17
C09 1YN C . -18.03 -2.20 0.15
N10 1YN C . -19.10 -1.51 -0.29
C13 1YN C . -13.20 -1.45 -0.01
C14 1YN C . -12.92 -2.78 0.25
C15 1YN C . -13.96 -3.66 0.50
C16 1YN C . -15.27 -3.22 0.44
N17 1YN C . -11.64 -3.22 0.25
C18 1YN C . -10.60 -2.23 0.52
C19 1YN C . -9.30 -2.68 -0.07
N20 1YN C . -8.96 -4.02 0.40
C21 1YN C . -10.03 -5.02 0.23
C22 1YN C . -11.32 -4.52 0.82
C23 1YN C . -7.71 -4.45 0.09
C24 1YN C . -6.86 -3.64 -0.65
C25 1YN C . -5.59 -4.07 -0.96
C26 1YN C . -5.15 -5.31 -0.53
C27 1YN C . -5.98 -6.12 0.20
C28 1YN C . -7.26 -5.70 0.51
O29 1YN C . -3.87 -5.64 -0.92
C30 1YN C . -3.30 -6.89 -0.51
C31 1YN C . -2.16 -7.21 -1.44
C32 1YN C . -2.56 -7.15 -2.89
O33 1YN C . -2.26 -5.84 -3.27
C34 1YN C . -1.08 -5.49 -2.58
O35 1YN C . -1.07 -6.24 -1.37
C36 1YN C . -1.20 -4.06 -2.13
N37 1YN C . 0.13 -3.62 -1.72
C38 1YN C . 0.92 -4.12 -0.78
N39 1YN C . 2.01 -3.38 -0.67
C40 1YN C . 1.83 -2.44 -1.61
N41 1YN C . 0.70 -2.54 -2.28
C42 1YN C . 0.10 -5.72 -3.58
C43 1YN C . 0.18 -5.04 -4.80
C44 1YN C . 1.20 -5.26 -5.70
C45 1YN C . 2.14 -6.21 -5.41
C46 1YN C . 2.12 -6.90 -4.21
C47 1YN C . 1.10 -6.65 -3.32
CL8 1YN C . 3.32 -6.63 -6.63
CL9 1YN C . -1.06 -3.94 -5.32
#